data_8AYV
#
_entry.id   8AYV
#
_cell.length_a   38.739
_cell.length_b   58.282
_cell.length_c   57.131
_cell.angle_alpha   90.000
_cell.angle_beta   95.427
_cell.angle_gamma   90.000
#
_symmetry.space_group_name_H-M   'P 1 21 1'
#
loop_
_entity.id
_entity.type
_entity.pdbx_description
1 polymer 'YiiD_C domain-containing protein'
2 water water
#
_entity_poly.entity_id   1
_entity_poly.type   'polypeptide(L)'
_entity_poly.pdbx_seq_one_letter_code
;MSTDSQYLQSVLHSDIPLTREMGLEVIDWQQHTLRLQLPLAANVNHKSTMFGGSLYCAAVLVGWGWLHLRLRELGIDDGH
IVIQEGQISYPLPVTGTAVARCAAPDEKTWERFLTLYQRRGRARLTLETTVSNDGSDEPAVRFSGQYVLHR
;
_entity_poly.pdbx_strand_id   A,B
#
# COMPACT_ATOMS: atom_id res chain seq x y z
N SER A 2 7.37 -4.99 -30.37
CA SER A 2 6.65 -5.33 -29.11
C SER A 2 7.60 -5.73 -27.95
N THR A 3 7.46 -5.04 -26.80
CA THR A 3 8.49 -5.13 -25.73
C THR A 3 8.04 -6.01 -24.57
N ASP A 4 8.99 -6.43 -23.73
CA ASP A 4 8.66 -7.07 -22.46
C ASP A 4 7.88 -6.11 -21.57
N SER A 5 8.17 -4.82 -21.62
CA SER A 5 7.43 -3.85 -20.82
C SER A 5 5.97 -3.82 -21.22
N GLN A 6 5.70 -3.80 -22.51
CA GLN A 6 4.30 -3.79 -22.98
C GLN A 6 3.59 -5.09 -22.56
N TYR A 7 4.28 -6.21 -22.70
CA TYR A 7 3.76 -7.49 -22.22
C TYR A 7 3.39 -7.38 -20.74
N LEU A 8 4.30 -6.90 -19.92
CA LEU A 8 4.04 -6.87 -18.47
C LEU A 8 2.91 -5.92 -18.13
N GLN A 9 2.85 -4.80 -18.84
CA GLN A 9 1.77 -3.84 -18.58
C GLN A 9 0.44 -4.55 -18.82
N SER A 10 0.33 -5.31 -19.90
CA SER A 10 -0.94 -6.00 -20.19
CA SER A 10 -0.93 -6.02 -20.21
C SER A 10 -1.29 -7.00 -19.10
N VAL A 11 -0.30 -7.71 -18.57
CA VAL A 11 -0.51 -8.64 -17.46
C VAL A 11 -1.03 -7.89 -16.23
N LEU A 12 -0.36 -6.82 -15.86
CA LEU A 12 -0.78 -6.07 -14.65
C LEU A 12 -2.19 -5.54 -14.80
N HIS A 13 -2.47 -4.90 -15.95
CA HIS A 13 -3.83 -4.35 -16.14
C HIS A 13 -4.90 -5.44 -16.15
N SER A 14 -4.58 -6.61 -16.68
CA SER A 14 -5.56 -7.72 -16.69
C SER A 14 -5.73 -8.35 -15.32
N ASP A 15 -4.61 -8.65 -14.68
CA ASP A 15 -4.68 -9.33 -13.36
C ASP A 15 -5.29 -8.42 -12.31
N ILE A 16 -4.90 -7.16 -12.32
CA ILE A 16 -5.25 -6.20 -11.25
C ILE A 16 -5.81 -4.97 -11.95
N PRO A 17 -7.09 -4.98 -12.32
CA PRO A 17 -7.59 -3.90 -13.13
C PRO A 17 -7.52 -2.52 -12.44
N LEU A 18 -7.45 -2.48 -11.12
CA LEU A 18 -7.24 -1.19 -10.47
C LEU A 18 -5.97 -0.50 -10.99
N THR A 19 -4.98 -1.26 -11.43
CA THR A 19 -3.74 -0.63 -11.94
C THR A 19 -3.98 0.12 -13.22
N ARG A 20 -4.99 -0.26 -14.01
CA ARG A 20 -5.35 0.51 -15.21
C ARG A 20 -5.94 1.84 -14.75
N GLU A 21 -6.80 1.85 -13.77
CA GLU A 21 -7.40 3.08 -13.22
C GLU A 21 -6.29 3.97 -12.63
N MET A 22 -5.26 3.37 -12.00
CA MET A 22 -4.13 4.13 -11.46
C MET A 22 -3.21 4.66 -12.57
N GLY A 23 -3.45 4.29 -13.83
CA GLY A 23 -2.59 4.78 -14.90
C GLY A 23 -1.22 4.14 -14.97
N LEU A 24 -1.07 2.96 -14.39
CA LEU A 24 0.26 2.32 -14.38
C LEU A 24 0.75 2.11 -15.81
N GLU A 25 1.98 2.49 -16.03
CA GLU A 25 2.68 2.25 -17.30
CA GLU A 25 2.67 2.19 -17.30
C GLU A 25 4.03 1.63 -16.98
N VAL A 26 4.38 0.55 -17.68
CA VAL A 26 5.72 -0.03 -17.56
C VAL A 26 6.64 0.71 -18.50
N ILE A 27 7.80 1.11 -18.02
CA ILE A 27 8.76 1.92 -18.80
C ILE A 27 9.76 1.05 -19.53
N ASP A 28 10.58 0.29 -18.80
CA ASP A 28 11.66 -0.47 -19.42
C ASP A 28 12.12 -1.60 -18.55
N TRP A 29 12.79 -2.54 -19.18
CA TRP A 29 13.30 -3.77 -18.59
C TRP A 29 14.67 -4.00 -19.24
N GLN A 30 15.73 -3.72 -18.52
CA GLN A 30 17.08 -3.70 -19.08
C GLN A 30 18.08 -4.21 -18.04
N GLN A 31 18.87 -5.22 -18.39
CA GLN A 31 19.89 -5.77 -17.47
C GLN A 31 19.25 -5.97 -16.11
N HIS A 32 18.07 -6.56 -16.13
CA HIS A 32 17.41 -7.02 -14.88
C HIS A 32 17.08 -5.88 -13.94
N THR A 33 16.85 -4.69 -14.50
CA THR A 33 16.22 -3.59 -13.76
C THR A 33 14.90 -3.27 -14.45
N LEU A 34 13.83 -3.22 -13.66
CA LEU A 34 12.51 -2.84 -14.13
C LEU A 34 12.14 -1.44 -13.64
N ARG A 35 11.52 -0.64 -14.50
CA ARG A 35 10.91 0.61 -14.04
C ARG A 35 9.48 0.68 -14.55
N LEU A 36 8.61 1.28 -13.73
CA LEU A 36 7.22 1.58 -14.10
C LEU A 36 6.84 2.91 -13.47
N GLN A 37 5.77 3.48 -13.92
CA GLN A 37 5.37 4.77 -13.41
C GLN A 37 3.89 4.84 -13.17
N LEU A 38 3.49 5.74 -12.26
CA LEU A 38 2.10 6.17 -12.02
C LEU A 38 2.02 7.67 -12.23
N PRO A 39 0.99 8.13 -12.93
CA PRO A 39 0.77 9.58 -13.03
C PRO A 39 0.14 10.14 -11.75
N LEU A 40 0.42 11.40 -11.48
CA LEU A 40 -0.15 12.02 -10.27
C LEU A 40 -1.66 12.09 -10.26
N ALA A 41 -2.28 12.51 -11.36
CA ALA A 41 -3.70 12.93 -11.26
C ALA A 41 -4.59 11.79 -10.79
N ALA A 42 -4.38 10.59 -11.30
CA ALA A 42 -5.27 9.44 -10.94
C ALA A 42 -4.98 8.96 -9.53
N ASN A 43 -3.91 9.41 -8.90
CA ASN A 43 -3.39 8.92 -7.61
C ASN A 43 -3.22 10.08 -6.62
N VAL A 44 -3.86 11.21 -6.86
CA VAL A 44 -3.58 12.41 -6.08
C VAL A 44 -4.24 12.35 -4.73
N ASN A 45 -3.66 13.07 -3.82
CA ASN A 45 -4.16 13.29 -2.50
C ASN A 45 -4.06 14.85 -2.37
N HIS A 46 -5.17 15.47 -2.25
CA HIS A 46 -5.28 16.93 -1.87
CA HIS A 46 -5.30 16.91 -1.90
C HIS A 46 -4.49 17.76 -2.87
N LYS A 47 -4.68 17.50 -4.14
CA LYS A 47 -4.13 18.23 -5.31
C LYS A 47 -2.63 18.04 -5.55
N SER A 48 -1.82 17.97 -4.49
CA SER A 48 -0.41 18.34 -4.61
C SER A 48 0.41 17.06 -4.56
N THR A 49 0.01 15.97 -3.87
CA THR A 49 1.00 14.88 -3.65
C THR A 49 0.39 13.53 -3.92
N MET A 50 1.21 12.55 -4.22
CA MET A 50 0.65 11.24 -4.55
C MET A 50 0.26 10.52 -3.23
N PHE A 51 -0.90 9.92 -3.29
CA PHE A 51 -1.39 9.07 -2.19
C PHE A 51 -0.36 8.01 -1.80
N GLY A 52 -0.11 7.86 -0.51
CA GLY A 52 0.85 6.90 0.01
C GLY A 52 0.45 5.45 -0.28
N GLY A 53 -0.84 5.18 -0.40
CA GLY A 53 -1.27 3.85 -0.81
C GLY A 53 -0.93 3.53 -2.25
N SER A 54 -1.10 4.50 -3.15
CA SER A 54 -0.68 4.33 -4.55
C SER A 54 0.80 4.08 -4.63
N LEU A 55 1.56 4.83 -3.81
CA LEU A 55 3.02 4.66 -3.80
C LEU A 55 3.43 3.26 -3.33
N TYR A 56 2.77 2.70 -2.32
CA TYR A 56 2.98 1.30 -1.96
C TYR A 56 2.67 0.39 -3.13
N CYS A 57 1.54 0.63 -3.82
CA CYS A 57 1.19 -0.17 -4.95
C CYS A 57 2.31 -0.15 -6.02
N ALA A 58 2.83 1.03 -6.34
CA ALA A 58 3.93 1.12 -7.32
C ALA A 58 5.15 0.33 -6.85
N ALA A 59 5.53 0.53 -5.58
CA ALA A 59 6.73 -0.09 -5.02
C ALA A 59 6.58 -1.62 -5.02
N VAL A 60 5.43 -2.12 -4.64
CA VAL A 60 5.25 -3.57 -4.54
C VAL A 60 5.09 -4.18 -5.91
N LEU A 61 4.47 -3.47 -6.84
CA LEU A 61 4.27 -4.01 -8.19
C LEU A 61 5.50 -3.98 -9.03
N VAL A 62 6.44 -3.04 -8.81
CA VAL A 62 7.68 -3.09 -9.62
C VAL A 62 8.49 -4.32 -9.17
N GLY A 63 8.41 -4.69 -7.87
CA GLY A 63 9.03 -5.95 -7.43
C GLY A 63 8.30 -7.17 -8.00
N TRP A 64 6.98 -7.17 -7.98
CA TRP A 64 6.17 -8.27 -8.56
C TRP A 64 6.56 -8.45 -10.01
N GLY A 65 6.64 -7.34 -10.75
CA GLY A 65 6.95 -7.39 -12.18
C GLY A 65 8.35 -7.89 -12.46
N TRP A 66 9.31 -7.49 -11.61
CA TRP A 66 10.69 -7.99 -11.76
C TRP A 66 10.66 -9.49 -11.72
N LEU A 67 10.00 -10.02 -10.67
CA LEU A 67 9.94 -11.46 -10.44
C LEU A 67 9.21 -12.19 -11.59
N HIS A 68 8.10 -11.66 -12.01
CA HIS A 68 7.36 -12.25 -13.12
C HIS A 68 8.24 -12.31 -14.36
N LEU A 69 8.83 -11.19 -14.74
CA LEU A 69 9.64 -11.18 -15.97
C LEU A 69 10.87 -12.08 -15.85
N ARG A 70 11.53 -12.11 -14.68
CA ARG A 70 12.72 -12.94 -14.54
C ARG A 70 12.37 -14.41 -14.67
N LEU A 71 11.30 -14.87 -14.04
CA LEU A 71 10.85 -16.25 -14.13
C LEU A 71 10.51 -16.57 -15.57
N ARG A 72 9.81 -15.67 -16.22
CA ARG A 72 9.34 -15.89 -17.60
C ARG A 72 10.54 -16.07 -18.51
N GLU A 73 11.59 -15.26 -18.33
CA GLU A 73 12.76 -15.36 -19.21
C GLU A 73 13.51 -16.67 -19.00
N LEU A 74 13.34 -17.33 -17.83
CA LEU A 74 13.95 -18.65 -17.53
C LEU A 74 12.98 -19.77 -17.84
N GLY A 75 11.81 -19.48 -18.35
CA GLY A 75 10.86 -20.53 -18.72
C GLY A 75 10.25 -21.18 -17.51
N ILE A 76 10.27 -20.50 -16.36
CA ILE A 76 9.66 -21.06 -15.14
C ILE A 76 8.23 -20.55 -15.11
N ASP A 77 7.31 -21.41 -15.53
CA ASP A 77 5.91 -21.04 -15.84
C ASP A 77 4.94 -21.74 -14.88
N ASP A 78 5.43 -22.45 -13.86
CA ASP A 78 4.55 -23.31 -13.03
C ASP A 78 4.30 -22.67 -11.66
N GLY A 79 4.70 -21.43 -11.46
CA GLY A 79 4.60 -20.75 -10.17
C GLY A 79 3.46 -19.73 -10.08
N HIS A 80 3.11 -19.42 -8.86
CA HIS A 80 2.12 -18.40 -8.49
C HIS A 80 2.80 -17.47 -7.50
N ILE A 81 2.74 -16.19 -7.80
CA ILE A 81 3.35 -15.19 -6.91
C ILE A 81 2.31 -14.77 -5.88
N VAL A 82 2.72 -14.67 -4.63
CA VAL A 82 1.84 -14.14 -3.56
C VAL A 82 2.60 -13.01 -2.86
N ILE A 83 2.03 -11.83 -2.82
CA ILE A 83 2.61 -10.69 -2.10
C ILE A 83 2.54 -11.03 -0.62
N GLN A 84 3.64 -10.84 0.09
CA GLN A 84 3.72 -11.09 1.53
C GLN A 84 4.27 -9.82 2.21
N GLU A 85 4.98 -9.95 3.30
CA GLU A 85 5.26 -8.80 4.17
C GLU A 85 6.01 -7.71 3.43
N GLY A 86 5.74 -6.48 3.80
CA GLY A 86 6.39 -5.33 3.23
C GLY A 86 6.64 -4.28 4.26
N GLN A 87 7.73 -3.54 4.06
CA GLN A 87 8.12 -2.40 4.86
C GLN A 87 8.40 -1.20 3.97
N ILE A 88 7.79 -0.08 4.26
CA ILE A 88 7.86 1.08 3.36
C ILE A 88 8.16 2.32 4.19
N SER A 89 8.96 3.19 3.61
CA SER A 89 9.33 4.53 4.15
CA SER A 89 9.13 4.54 4.21
C SER A 89 8.94 5.59 3.12
N TYR A 90 8.56 6.77 3.58
CA TYR A 90 8.16 7.87 2.70
C TYR A 90 8.98 9.12 2.98
N PRO A 91 10.28 9.09 2.68
CA PRO A 91 11.10 10.26 3.03
C PRO A 91 10.74 11.54 2.27
N LEU A 92 10.19 11.49 1.08
CA LEU A 92 9.89 12.72 0.31
C LEU A 92 8.53 12.66 -0.30
N PRO A 93 7.85 13.80 -0.42
CA PRO A 93 6.59 13.83 -1.16
C PRO A 93 6.83 13.58 -2.63
N VAL A 94 5.86 12.98 -3.29
CA VAL A 94 5.86 12.81 -4.74
C VAL A 94 4.84 13.81 -5.30
N THR A 95 5.34 14.74 -6.09
CA THR A 95 4.60 15.92 -6.57
C THR A 95 4.30 15.89 -8.05
N GLY A 96 4.53 14.74 -8.70
CA GLY A 96 4.30 14.57 -10.12
C GLY A 96 4.30 13.08 -10.40
N THR A 97 4.67 12.70 -11.61
CA THR A 97 4.74 11.30 -11.98
C THR A 97 5.71 10.60 -11.01
N ALA A 98 5.33 9.41 -10.58
CA ALA A 98 6.12 8.55 -9.70
C ALA A 98 6.80 7.47 -10.53
N VAL A 99 8.12 7.34 -10.40
CA VAL A 99 8.89 6.34 -11.14
C VAL A 99 9.40 5.34 -10.13
N ALA A 100 8.90 4.10 -10.25
CA ALA A 100 9.28 2.96 -9.41
C ALA A 100 10.33 2.12 -10.11
N ARG A 101 11.28 1.63 -9.30
CA ARG A 101 12.42 0.88 -9.83
C ARG A 101 12.71 -0.33 -8.98
N CYS A 102 13.03 -1.41 -9.65
CA CYS A 102 13.49 -2.62 -8.96
C CYS A 102 14.69 -3.17 -9.73
N ALA A 103 15.86 -3.09 -9.12
CA ALA A 103 17.08 -3.73 -9.62
C ALA A 103 17.12 -5.15 -9.14
N ALA A 104 18.04 -5.92 -9.71
CA ALA A 104 18.15 -7.35 -9.32
C ALA A 104 18.60 -7.45 -7.87
N PRO A 105 18.11 -8.46 -7.14
CA PRO A 105 18.69 -8.81 -5.86
C PRO A 105 20.09 -9.37 -6.11
N ASP A 106 20.81 -9.56 -5.03
CA ASP A 106 22.15 -10.14 -5.19
C ASP A 106 22.04 -11.54 -5.79
N GLU A 107 23.00 -11.89 -6.60
CA GLU A 107 22.94 -13.14 -7.41
CA GLU A 107 22.90 -13.15 -7.40
C GLU A 107 22.81 -14.36 -6.50
N LYS A 108 23.53 -14.37 -5.37
CA LYS A 108 23.42 -15.55 -4.48
C LYS A 108 22.02 -15.69 -3.92
N THR A 109 21.36 -14.60 -3.57
CA THR A 109 19.98 -14.62 -3.04
C THR A 109 19.07 -15.21 -4.11
N TRP A 110 19.21 -14.73 -5.34
CA TRP A 110 18.40 -15.22 -6.43
C TRP A 110 18.61 -16.72 -6.60
N GLU A 111 19.85 -17.15 -6.64
CA GLU A 111 20.10 -18.58 -6.90
C GLU A 111 19.61 -19.42 -5.70
N ARG A 112 19.78 -18.94 -4.46
CA ARG A 112 19.21 -19.71 -3.33
C ARG A 112 17.71 -19.87 -3.47
N PHE A 113 17.06 -18.80 -3.91
CA PHE A 113 15.59 -18.83 -4.09
C PHE A 113 15.21 -19.86 -5.17
N LEU A 114 15.89 -19.86 -6.30
CA LEU A 114 15.57 -20.86 -7.36
C LEU A 114 15.82 -22.26 -6.83
N THR A 115 16.91 -22.47 -6.11
CA THR A 115 17.22 -23.82 -5.58
C THR A 115 16.10 -24.27 -4.64
N LEU A 116 15.67 -23.40 -3.75
CA LEU A 116 14.64 -23.78 -2.78
C LEU A 116 13.32 -24.01 -3.48
N TYR A 117 12.94 -23.15 -4.41
CA TYR A 117 11.70 -23.34 -5.20
C TYR A 117 11.72 -24.69 -5.91
N GLN A 118 12.82 -25.02 -6.55
CA GLN A 118 12.87 -26.29 -7.30
C GLN A 118 12.63 -27.45 -6.35
N ARG A 119 13.25 -27.47 -5.20
CA ARG A 119 13.20 -28.61 -4.26
C ARG A 119 11.84 -28.70 -3.57
N ARG A 120 11.32 -27.59 -3.06
CA ARG A 120 10.11 -27.60 -2.22
C ARG A 120 8.85 -27.29 -3.02
N GLY A 121 8.97 -26.57 -4.12
CA GLY A 121 7.85 -25.99 -4.83
C GLY A 121 7.33 -24.71 -4.15
N ARG A 122 8.12 -24.15 -3.23
CA ARG A 122 7.74 -22.90 -2.54
C ARG A 122 9.00 -22.23 -2.06
N ALA A 123 9.10 -20.92 -2.28
CA ALA A 123 10.23 -20.16 -1.80
C ALA A 123 9.76 -18.71 -1.63
N ARG A 124 10.57 -17.98 -0.92
CA ARG A 124 10.36 -16.54 -0.65
C ARG A 124 11.55 -15.71 -1.17
N LEU A 125 11.25 -14.66 -1.92
CA LEU A 125 12.27 -13.70 -2.41
C LEU A 125 11.93 -12.35 -1.81
N THR A 126 12.94 -11.72 -1.26
CA THR A 126 12.83 -10.32 -0.81
C THR A 126 13.45 -9.39 -1.85
N LEU A 127 12.70 -8.37 -2.26
CA LEU A 127 13.19 -7.37 -3.21
C LEU A 127 13.08 -6.00 -2.58
N GLU A 128 14.16 -5.24 -2.72
CA GLU A 128 14.21 -3.81 -2.44
C GLU A 128 13.80 -3.02 -3.66
N THR A 129 12.89 -2.08 -3.49
CA THR A 129 12.43 -1.25 -4.60
C THR A 129 12.40 0.21 -4.10
N THR A 130 12.38 1.13 -5.05
CA THR A 130 12.27 2.56 -4.73
C THR A 130 11.21 3.19 -5.61
N VAL A 131 10.71 4.33 -5.15
CA VAL A 131 9.90 5.20 -6.00
C VAL A 131 10.48 6.59 -5.85
N SER A 132 10.58 7.29 -6.96
CA SER A 132 11.16 8.65 -6.98
C SER A 132 10.26 9.58 -7.75
N ASN A 133 10.41 10.87 -7.46
CA ASN A 133 9.94 11.89 -8.40
C ASN A 133 10.70 11.71 -9.72
N ASP A 134 9.97 11.86 -10.82
CA ASP A 134 10.54 11.72 -12.14
C ASP A 134 11.69 12.72 -12.28
N GLY A 135 12.84 12.21 -12.69
CA GLY A 135 14.05 13.03 -12.86
C GLY A 135 14.93 13.10 -11.67
N SER A 136 14.54 12.40 -10.61
CA SER A 136 15.36 12.27 -9.43
C SER A 136 15.84 10.81 -9.24
N ASP A 137 17.03 10.65 -8.73
CA ASP A 137 17.53 9.32 -8.29
CA ASP A 137 17.46 9.28 -8.30
C ASP A 137 17.29 9.14 -6.78
N GLU A 138 16.88 10.24 -6.09
CA GLU A 138 16.74 10.26 -4.61
C GLU A 138 15.47 9.49 -4.33
N PRO A 139 15.50 8.46 -3.52
CA PRO A 139 14.23 7.74 -3.27
C PRO A 139 13.26 8.68 -2.49
N ALA A 140 12.06 8.83 -3.00
CA ALA A 140 10.95 9.39 -2.24
C ALA A 140 10.33 8.30 -1.34
N VAL A 141 10.41 7.06 -1.80
CA VAL A 141 9.88 5.88 -1.16
C VAL A 141 10.99 4.84 -1.18
N ARG A 142 11.22 4.21 -0.03
CA ARG A 142 12.09 3.00 0.06
C ARG A 142 11.19 1.85 0.50
N PHE A 143 11.30 0.74 -0.23
CA PHE A 143 10.46 -0.42 0.06
C PHE A 143 11.31 -1.69 0.08
N SER A 144 10.93 -2.60 0.98
CA SER A 144 11.41 -3.98 0.91
C SER A 144 10.24 -4.91 1.11
N GLY A 145 10.08 -5.86 0.21
CA GLY A 145 8.95 -6.75 0.30
C GLY A 145 9.33 -8.16 0.00
N GLN A 146 8.59 -9.06 0.66
CA GLN A 146 8.68 -10.49 0.42
C GLN A 146 7.60 -10.92 -0.55
N TYR A 147 8.01 -11.86 -1.42
CA TYR A 147 7.14 -12.46 -2.42
C TYR A 147 7.30 -13.98 -2.31
N VAL A 148 6.21 -14.68 -2.14
CA VAL A 148 6.21 -16.13 -2.21
C VAL A 148 6.05 -16.51 -3.68
N LEU A 149 6.75 -17.55 -4.14
CA LEU A 149 6.48 -18.27 -5.38
C LEU A 149 6.12 -19.68 -4.96
N HIS A 150 5.01 -20.16 -5.43
CA HIS A 150 4.62 -21.53 -5.07
C HIS A 150 4.05 -22.23 -6.30
N ARG A 151 4.21 -23.55 -6.33
CA ARG A 151 3.57 -24.40 -7.35
C ARG A 151 2.11 -24.66 -6.97
N THR B 3 -23.57 11.88 9.23
CA THR B 3 -22.90 11.18 10.28
C THR B 3 -21.38 11.38 10.11
N ASP B 4 -20.65 11.01 11.14
CA ASP B 4 -19.17 11.06 11.12
C ASP B 4 -18.65 10.15 9.99
N SER B 5 -19.27 9.00 9.82
CA SER B 5 -18.79 8.04 8.80
CA SER B 5 -18.83 8.02 8.79
C SER B 5 -19.07 8.61 7.39
N GLN B 6 -20.23 9.17 7.17
CA GLN B 6 -20.53 9.81 5.88
C GLN B 6 -19.54 10.95 5.61
N TYR B 7 -19.28 11.77 6.62
CA TYR B 7 -18.33 12.87 6.48
C TYR B 7 -16.97 12.29 6.06
N LEU B 8 -16.46 11.31 6.80
CA LEU B 8 -15.12 10.80 6.45
C LEU B 8 -15.09 10.20 5.06
N GLN B 9 -16.14 9.48 4.68
CA GLN B 9 -16.20 8.90 3.35
C GLN B 9 -16.12 9.99 2.29
N SER B 10 -16.83 11.08 2.53
CA SER B 10 -16.83 12.20 1.58
C SER B 10 -15.46 12.88 1.54
N VAL B 11 -14.81 13.03 2.67
CA VAL B 11 -13.44 13.50 2.74
C VAL B 11 -12.53 12.67 1.87
N LEU B 12 -12.57 11.34 2.10
CA LEU B 12 -11.68 10.45 1.38
C LEU B 12 -11.97 10.49 -0.12
N HIS B 13 -13.24 10.40 -0.51
CA HIS B 13 -13.53 10.38 -1.94
C HIS B 13 -13.14 11.69 -2.61
N SER B 14 -13.26 12.81 -1.92
CA SER B 14 -12.93 14.15 -2.46
CA SER B 14 -12.94 14.11 -2.54
C SER B 14 -11.43 14.36 -2.49
N ASP B 15 -10.76 14.07 -1.39
CA ASP B 15 -9.29 14.31 -1.26
C ASP B 15 -8.53 13.32 -2.16
N ILE B 16 -8.98 12.06 -2.19
CA ILE B 16 -8.26 10.98 -2.87
C ILE B 16 -9.28 10.30 -3.76
N PRO B 17 -9.56 10.85 -4.96
CA PRO B 17 -10.60 10.26 -5.80
C PRO B 17 -10.41 8.79 -6.18
N LEU B 18 -9.18 8.31 -6.18
CA LEU B 18 -8.96 6.86 -6.38
C LEU B 18 -9.78 6.05 -5.42
N THR B 19 -9.98 6.53 -4.19
CA THR B 19 -10.72 5.74 -3.20
C THR B 19 -12.19 5.54 -3.60
N ARG B 20 -12.75 6.47 -4.37
CA ARG B 20 -14.10 6.27 -4.90
C ARG B 20 -14.06 5.12 -5.90
N GLU B 21 -13.05 5.08 -6.75
CA GLU B 21 -12.90 3.98 -7.74
C GLU B 21 -12.63 2.63 -7.06
N MET B 22 -12.02 2.67 -5.89
CA MET B 22 -11.79 1.47 -5.08
C MET B 22 -13.06 1.04 -4.33
N GLY B 23 -14.12 1.83 -4.39
CA GLY B 23 -15.37 1.48 -3.70
C GLY B 23 -15.31 1.65 -2.20
N LEU B 24 -14.39 2.46 -1.70
CA LEU B 24 -14.26 2.62 -0.24
C LEU B 24 -15.56 3.14 0.35
N GLU B 25 -16.00 2.53 1.44
CA GLU B 25 -17.10 3.05 2.23
C GLU B 25 -16.66 3.04 3.69
N VAL B 26 -17.11 4.06 4.42
CA VAL B 26 -16.82 4.12 5.88
C VAL B 26 -18.03 3.55 6.58
N ILE B 27 -17.78 2.66 7.53
CA ILE B 27 -18.87 1.92 8.21
C ILE B 27 -19.30 2.62 9.49
N ASP B 28 -18.40 2.75 10.45
CA ASP B 28 -18.81 3.24 11.78
C ASP B 28 -17.61 3.86 12.50
N TRP B 29 -17.95 4.70 13.46
CA TRP B 29 -17.02 5.47 14.28
C TRP B 29 -17.64 5.47 15.66
N GLN B 30 -17.14 4.64 16.57
CA GLN B 30 -17.79 4.45 17.90
CA GLN B 30 -17.74 4.50 17.91
C GLN B 30 -16.71 3.90 18.85
N GLN B 31 -16.75 4.32 20.11
CA GLN B 31 -15.75 3.87 21.12
C GLN B 31 -14.34 4.14 20.59
N HIS B 32 -14.15 5.19 19.81
CA HIS B 32 -12.84 5.53 19.22
C HIS B 32 -12.27 4.37 18.40
N THR B 33 -13.16 3.65 17.76
CA THR B 33 -12.79 2.62 16.79
C THR B 33 -13.41 3.01 15.45
N LEU B 34 -12.59 3.04 14.41
CA LEU B 34 -13.08 3.33 13.05
C LEU B 34 -13.04 2.02 12.25
N ARG B 35 -14.08 1.81 11.43
CA ARG B 35 -14.05 0.73 10.41
C ARG B 35 -14.48 1.28 9.06
N LEU B 36 -13.79 0.77 8.03
CA LEU B 36 -14.17 1.09 6.64
C LEU B 36 -14.01 -0.18 5.81
N GLN B 37 -14.58 -0.21 4.63
CA GLN B 37 -14.57 -1.44 3.83
C GLN B 37 -14.21 -1.14 2.39
N LEU B 38 -13.68 -2.18 1.75
CA LEU B 38 -13.48 -2.20 0.30
C LEU B 38 -14.20 -3.44 -0.26
N PRO B 39 -14.81 -3.29 -1.44
CA PRO B 39 -15.41 -4.43 -2.14
C PRO B 39 -14.38 -5.20 -2.91
N LEU B 40 -14.61 -6.50 -3.05
CA LEU B 40 -13.70 -7.33 -3.84
C LEU B 40 -13.60 -6.84 -5.27
N ALA B 41 -14.72 -6.56 -5.95
CA ALA B 41 -14.71 -6.48 -7.41
C ALA B 41 -13.76 -5.39 -7.86
N ALA B 42 -13.73 -4.25 -7.18
CA ALA B 42 -12.91 -3.11 -7.62
C ALA B 42 -11.43 -3.34 -7.32
N ASN B 43 -11.13 -4.32 -6.52
CA ASN B 43 -9.80 -4.52 -5.88
C ASN B 43 -9.28 -5.92 -6.15
N VAL B 44 -9.77 -6.61 -7.17
CA VAL B 44 -9.38 -8.01 -7.38
C VAL B 44 -7.98 -8.15 -7.92
N ASN B 45 -7.43 -9.33 -7.68
CA ASN B 45 -6.13 -9.80 -8.24
CA ASN B 45 -6.20 -9.74 -8.36
C ASN B 45 -6.46 -10.93 -9.30
N HIS B 46 -5.44 -11.52 -9.83
CA HIS B 46 -5.44 -12.59 -10.85
C HIS B 46 -6.14 -13.86 -10.46
N LYS B 47 -6.52 -14.06 -9.19
CA LYS B 47 -7.12 -15.29 -8.65
C LYS B 47 -8.37 -15.07 -7.75
N SER B 48 -9.18 -14.01 -7.95
CA SER B 48 -10.44 -13.72 -7.24
C SER B 48 -10.17 -13.54 -5.70
N THR B 49 -8.97 -13.14 -5.29
CA THR B 49 -8.69 -12.62 -3.93
C THR B 49 -8.42 -11.13 -4.07
N MET B 50 -8.42 -10.45 -2.94
CA MET B 50 -8.19 -9.02 -3.00
C MET B 50 -6.68 -8.74 -3.13
N PHE B 51 -6.37 -7.80 -3.99
CA PHE B 51 -5.01 -7.30 -4.25
C PHE B 51 -4.42 -6.78 -2.93
N GLY B 52 -3.20 -7.20 -2.64
CA GLY B 52 -2.53 -6.77 -1.43
C GLY B 52 -2.39 -5.25 -1.39
N GLY B 53 -2.11 -4.60 -2.51
CA GLY B 53 -2.04 -3.14 -2.51
C GLY B 53 -3.30 -2.46 -2.06
N SER B 54 -4.46 -3.00 -2.50
CA SER B 54 -5.73 -2.45 -2.04
C SER B 54 -5.86 -2.59 -0.53
N LEU B 55 -5.52 -3.78 -0.02
CA LEU B 55 -5.53 -4.02 1.42
C LEU B 55 -4.64 -3.04 2.19
N TYR B 56 -3.46 -2.77 1.64
CA TYR B 56 -2.57 -1.78 2.23
C TYR B 56 -3.25 -0.41 2.26
N CYS B 57 -3.89 -0.02 1.16
CA CYS B 57 -4.61 1.25 1.12
C CYS B 57 -5.67 1.34 2.21
N ALA B 58 -6.44 0.26 2.39
CA ALA B 58 -7.45 0.25 3.43
C ALA B 58 -6.79 0.38 4.82
N ALA B 59 -5.73 -0.37 5.03
CA ALA B 59 -5.08 -0.38 6.35
C ALA B 59 -4.49 0.98 6.69
N VAL B 60 -3.86 1.65 5.73
CA VAL B 60 -3.22 2.96 6.03
C VAL B 60 -4.33 4.02 6.21
N LEU B 61 -5.36 3.93 5.37
CA LEU B 61 -6.44 4.93 5.46
C LEU B 61 -7.28 4.80 6.70
N VAL B 62 -7.48 3.59 7.24
CA VAL B 62 -8.29 3.52 8.46
C VAL B 62 -7.50 4.15 9.62
N GLY B 63 -6.16 4.07 9.61
CA GLY B 63 -5.36 4.77 10.62
C GLY B 63 -5.42 6.28 10.41
N TRP B 64 -5.29 6.72 9.17
CA TRP B 64 -5.37 8.16 8.85
C TRP B 64 -6.73 8.68 9.34
N GLY B 65 -7.80 7.96 9.03
CA GLY B 65 -9.17 8.38 9.38
C GLY B 65 -9.36 8.44 10.86
N TRP B 66 -8.82 7.47 11.57
CA TRP B 66 -8.88 7.47 13.04
C TRP B 66 -8.33 8.79 13.58
N LEU B 67 -7.13 9.13 13.11
CA LEU B 67 -6.48 10.34 13.61
C LEU B 67 -7.23 11.58 13.19
N HIS B 68 -7.70 11.64 11.96
CA HIS B 68 -8.46 12.79 11.50
C HIS B 68 -9.70 12.99 12.36
N LEU B 69 -10.47 11.92 12.57
CA LEU B 69 -11.72 12.06 13.32
C LEU B 69 -11.42 12.37 14.77
N ARG B 70 -10.41 11.77 15.38
CA ARG B 70 -10.10 12.03 16.78
C ARG B 70 -9.74 13.50 16.96
N LEU B 71 -8.91 14.05 16.08
CA LEU B 71 -8.50 15.46 16.18
C LEU B 71 -9.74 16.32 15.95
N ARG B 72 -10.58 16.00 14.99
CA ARG B 72 -11.79 16.80 14.68
CA ARG B 72 -11.81 16.76 14.66
C ARG B 72 -12.68 16.84 15.92
N GLU B 73 -12.83 15.73 16.65
CA GLU B 73 -13.71 15.63 17.86
C GLU B 73 -13.15 16.63 18.91
N LEU B 74 -11.84 16.89 18.94
CA LEU B 74 -11.15 17.76 19.93
C LEU B 74 -11.00 19.18 19.40
N GLY B 75 -11.48 19.46 18.21
CA GLY B 75 -11.32 20.80 17.60
C GLY B 75 -9.87 21.12 17.28
N ILE B 76 -9.02 20.12 17.05
CA ILE B 76 -7.61 20.37 16.68
C ILE B 76 -7.59 20.39 15.15
N ASP B 77 -7.53 21.59 14.58
CA ASP B 77 -7.76 21.80 13.11
C ASP B 77 -6.49 22.34 12.44
N ASP B 78 -5.38 22.56 13.17
CA ASP B 78 -4.21 23.28 12.59
C ASP B 78 -3.07 22.34 12.17
N GLY B 79 -3.34 21.05 12.11
CA GLY B 79 -2.33 20.03 11.86
C GLY B 79 -2.45 19.39 10.49
N HIS B 80 -1.39 18.72 10.09
CA HIS B 80 -1.27 18.00 8.83
C HIS B 80 -0.78 16.59 9.19
N ILE B 81 -1.49 15.57 8.72
CA ILE B 81 -1.14 14.17 8.99
C ILE B 81 -0.31 13.65 7.82
N VAL B 82 0.83 13.07 8.09
CA VAL B 82 1.65 12.44 7.03
C VAL B 82 1.97 11.00 7.47
N ILE B 83 1.81 10.05 6.56
CA ILE B 83 2.35 8.69 6.83
C ILE B 83 3.85 8.73 6.58
N GLN B 84 4.63 8.35 7.57
CA GLN B 84 6.09 8.38 7.46
C GLN B 84 6.63 6.99 7.14
N GLU B 85 6.05 5.96 7.78
CA GLU B 85 6.56 4.57 7.70
CA GLU B 85 6.55 4.57 7.63
C GLU B 85 5.34 3.66 7.80
N GLY B 86 5.38 2.55 7.08
CA GLY B 86 4.39 1.51 7.22
C GLY B 86 5.03 0.14 7.17
N GLN B 87 4.37 -0.83 7.82
CA GLN B 87 4.76 -2.24 7.75
C GLN B 87 3.49 -3.07 7.67
N ILE B 88 3.47 -4.07 6.81
CA ILE B 88 2.26 -4.84 6.58
C ILE B 88 2.59 -6.31 6.46
N SER B 89 1.65 -7.13 6.90
CA SER B 89 1.71 -8.59 6.71
CA SER B 89 1.69 -8.60 6.76
C SER B 89 0.32 -9.04 6.27
N TYR B 90 0.30 -10.16 5.55
CA TYR B 90 -0.91 -10.70 4.91
C TYR B 90 -1.14 -12.16 5.27
N PRO B 91 -1.44 -12.45 6.52
CA PRO B 91 -1.51 -13.85 6.94
C PRO B 91 -2.65 -14.65 6.32
N LEU B 92 -3.77 -14.06 5.94
CA LEU B 92 -4.90 -14.83 5.44
C LEU B 92 -5.38 -14.24 4.13
N PRO B 93 -5.92 -15.05 3.22
CA PRO B 93 -6.53 -14.47 2.01
C PRO B 93 -7.78 -13.67 2.34
N VAL B 94 -8.01 -12.65 1.54
CA VAL B 94 -9.26 -11.87 1.59
C VAL B 94 -9.99 -12.19 0.31
N THR B 95 -11.16 -12.80 0.45
CA THR B 95 -11.88 -13.39 -0.66
C THR B 95 -13.24 -12.76 -0.91
N GLY B 96 -13.50 -11.63 -0.31
CA GLY B 96 -14.75 -10.91 -0.41
C GLY B 96 -14.51 -9.51 0.11
N THR B 97 -15.57 -8.93 0.68
CA THR B 97 -15.48 -7.56 1.22
C THR B 97 -14.41 -7.55 2.33
N ALA B 98 -13.58 -6.52 2.33
CA ALA B 98 -12.51 -6.33 3.29
C ALA B 98 -12.96 -5.25 4.28
N VAL B 99 -12.82 -5.51 5.58
CA VAL B 99 -13.20 -4.57 6.64
C VAL B 99 -11.95 -4.19 7.39
N ALA B 100 -11.54 -2.95 7.25
CA ALA B 100 -10.37 -2.39 7.94
C ALA B 100 -10.81 -1.75 9.25
N ARG B 101 -9.96 -1.89 10.27
CA ARG B 101 -10.31 -1.42 11.62
C ARG B 101 -9.09 -0.76 12.27
N CYS B 102 -9.36 0.35 12.94
CA CYS B 102 -8.36 1.01 13.79
C CYS B 102 -9.02 1.35 15.11
N ALA B 103 -8.51 0.73 16.19
CA ALA B 103 -8.94 1.04 17.55
C ALA B 103 -7.99 2.08 18.12
N ALA B 104 -8.38 2.65 19.27
CA ALA B 104 -7.55 3.67 19.92
C ALA B 104 -6.24 3.10 20.46
N PRO B 105 -5.15 3.87 20.35
CA PRO B 105 -3.86 3.44 20.90
C PRO B 105 -3.98 3.56 22.41
N ASP B 106 -2.91 3.18 23.15
CA ASP B 106 -2.86 3.36 24.63
C ASP B 106 -3.19 4.82 24.95
N GLU B 107 -4.06 5.09 25.93
CA GLU B 107 -4.60 6.42 26.27
C GLU B 107 -3.53 7.35 26.86
N LYS B 108 -2.65 6.82 27.69
CA LYS B 108 -1.54 7.69 28.16
C LYS B 108 -0.64 7.99 26.98
N THR B 109 -0.49 7.04 26.04
CA THR B 109 0.31 7.27 24.80
C THR B 109 -0.33 8.43 24.01
N TRP B 110 -1.64 8.35 23.82
CA TRP B 110 -2.39 9.41 23.12
C TRP B 110 -2.14 10.75 23.80
N GLU B 111 -2.28 10.82 25.13
CA GLU B 111 -2.16 12.09 25.87
C GLU B 111 -0.74 12.59 25.73
N ARG B 112 0.25 11.73 25.78
CA ARG B 112 1.67 12.17 25.62
C ARG B 112 1.84 12.72 24.21
N PHE B 113 1.21 12.06 23.22
CA PHE B 113 1.32 12.51 21.80
C PHE B 113 0.68 13.91 21.64
N LEU B 114 -0.50 14.10 22.21
CA LEU B 114 -1.16 15.42 22.07
C LEU B 114 -0.35 16.50 22.78
N THR B 115 0.22 16.17 23.95
CA THR B 115 0.96 17.13 24.75
C THR B 115 2.17 17.54 23.92
N LEU B 116 2.84 16.55 23.36
CA LEU B 116 4.01 16.84 22.50
C LEU B 116 3.67 17.67 21.26
N TYR B 117 2.59 17.35 20.58
CA TYR B 117 2.11 18.18 19.45
C TYR B 117 1.84 19.63 19.96
N GLN B 118 1.12 19.78 21.07
CA GLN B 118 0.74 21.15 21.53
C GLN B 118 2.02 21.95 21.84
N ARG B 119 3.00 21.32 22.45
CA ARG B 119 4.15 22.03 22.99
C ARG B 119 5.18 22.22 21.89
N ARG B 120 5.39 21.23 21.03
CA ARG B 120 6.46 21.21 20.00
C ARG B 120 5.96 21.49 18.59
N GLY B 121 4.67 21.31 18.30
CA GLY B 121 4.15 21.53 16.93
C GLY B 121 4.35 20.34 15.99
N ARG B 122 4.88 19.23 16.48
CA ARG B 122 5.16 18.01 15.68
C ARG B 122 5.20 16.85 16.66
N ALA B 123 4.54 15.74 16.31
CA ALA B 123 4.56 14.54 17.15
C ALA B 123 4.28 13.34 16.23
N ARG B 124 4.68 12.19 16.68
CA ARG B 124 4.56 10.93 15.92
C ARG B 124 3.69 9.97 16.74
N LEU B 125 2.75 9.34 16.03
CA LEU B 125 1.84 8.38 16.63
C LEU B 125 1.95 7.04 15.82
N THR B 126 2.16 5.95 16.52
CA THR B 126 2.08 4.62 15.88
C THR B 126 0.70 4.06 16.03
N LEU B 127 0.08 3.68 14.95
CA LEU B 127 -1.22 3.05 14.98
C LEU B 127 -1.13 1.68 14.33
N GLU B 128 -1.56 0.67 15.06
CA GLU B 128 -1.85 -0.66 14.52
C GLU B 128 -3.24 -0.71 13.93
N THR B 129 -3.34 -1.22 12.71
CA THR B 129 -4.61 -1.41 12.07
C THR B 129 -4.67 -2.83 11.55
N THR B 130 -5.89 -3.34 11.30
CA THR B 130 -6.08 -4.68 10.77
C THR B 130 -7.10 -4.62 9.64
N VAL B 131 -7.09 -5.65 8.82
CA VAL B 131 -8.15 -5.88 7.83
C VAL B 131 -8.61 -7.30 7.97
N SER B 132 -9.90 -7.51 7.96
CA SER B 132 -10.53 -8.84 8.06
CA SER B 132 -10.51 -8.85 8.06
C SER B 132 -11.47 -9.08 6.90
N ASN B 133 -11.77 -10.32 6.64
CA ASN B 133 -12.92 -10.64 5.78
C ASN B 133 -14.22 -10.25 6.52
N ASP B 134 -15.12 -9.65 5.81
CA ASP B 134 -16.41 -9.26 6.41
C ASP B 134 -17.07 -10.48 7.05
N GLY B 135 -17.51 -10.31 8.27
CA GLY B 135 -18.18 -11.39 9.02
C GLY B 135 -17.33 -11.91 10.15
N SER B 136 -16.03 -11.59 10.07
CA SER B 136 -14.97 -12.15 10.91
CA SER B 136 -14.87 -12.16 10.77
C SER B 136 -14.17 -11.01 11.51
N ASP B 137 -13.72 -11.24 12.75
CA ASP B 137 -12.80 -10.30 13.40
C ASP B 137 -11.35 -10.81 13.31
N GLU B 138 -11.06 -11.87 12.62
CA GLU B 138 -9.71 -12.46 12.57
C GLU B 138 -8.89 -11.64 11.59
N PRO B 139 -7.76 -11.07 12.00
CA PRO B 139 -6.97 -10.27 11.05
C PRO B 139 -6.41 -11.12 9.89
N ALA B 140 -6.80 -10.76 8.68
CA ALA B 140 -6.17 -11.26 7.46
C ALA B 140 -4.97 -10.42 7.06
N VAL B 141 -4.91 -9.19 7.59
CA VAL B 141 -3.90 -8.19 7.32
C VAL B 141 -3.58 -7.54 8.64
N ARG B 142 -2.29 -7.37 8.94
CA ARG B 142 -1.82 -6.58 10.09
C ARG B 142 -0.93 -5.46 9.56
N PHE B 143 -1.18 -4.25 10.01
CA PHE B 143 -0.45 -3.07 9.61
C PHE B 143 -0.03 -2.31 10.84
N SER B 144 1.13 -1.69 10.75
CA SER B 144 1.56 -0.68 11.72
CA SER B 144 1.61 -0.70 11.73
C SER B 144 2.08 0.52 10.94
N GLY B 145 1.55 1.68 11.26
CA GLY B 145 1.94 2.93 10.60
C GLY B 145 2.42 3.93 11.59
N GLN B 146 3.40 4.70 11.17
CA GLN B 146 3.91 5.82 11.94
C GLN B 146 3.40 7.05 11.22
N TYR B 147 2.51 7.77 11.92
CA TYR B 147 1.85 8.98 11.41
C TYR B 147 2.45 10.17 12.15
N VAL B 148 2.82 11.16 11.41
CA VAL B 148 3.30 12.42 12.00
C VAL B 148 2.19 13.44 11.87
N LEU B 149 1.94 14.18 12.96
CA LEU B 149 1.05 15.34 12.95
C LEU B 149 1.96 16.56 13.15
N HIS B 150 1.79 17.52 12.28
CA HIS B 150 2.61 18.75 12.41
C HIS B 150 1.79 19.98 12.05
N ARG B 151 2.19 21.11 12.66
CA ARG B 151 1.59 22.45 12.42
C ARG B 151 2.22 23.06 11.17
#